data_3EVG
#
_entry.id   3EVG
#
_cell.length_a   112.615
_cell.length_b   112.615
_cell.length_c   55.696
_cell.angle_alpha   90.00
_cell.angle_beta   90.00
_cell.angle_gamma   120.00
#
_symmetry.space_group_name_H-M   'P 31 2 1'
#
loop_
_entity.id
_entity.type
_entity.pdbx_description
1 polymer 'RNA-directed RNA polymerase NS5'
2 non-polymer 'SULFATE ION'
3 non-polymer S-ADENOSYL-L-HOMOCYSTEINE
4 water water
#
_entity_poly.entity_id   1
_entity_poly.type   'polypeptide(L)'
_entity_poly.pdbx_seq_one_letter_code
;MTGNIGETLGEKWKSRLNALGKSEFQIYKKSGIQEVDRTLAKEGIKRGETDHHAVSRGSAKLRWFVERNMVTPEGKVVDL
GCGRGGWSYYCGGLKNVREVKGLTKGGPGHEEPIPMSTYGWNLVRLQSGVDVFFIPPEKCDTLLCDIGESSPNPTVEAGR
TLRVLNLVENWLNNNTQFCIKVLNPYMPSVIEKMEALQRKYGGALVRNPLSRNSTHEMYWVSNASGNIVSSVNMISRMLI
NRFTMRYKKATYEPDVDLGSGTRNIGSSSHHHHHH
;
_entity_poly.pdbx_strand_id   A
#
# COMPACT_ATOMS: atom_id res chain seq x y z
N THR A 8 -21.57 -11.67 1.12
CA THR A 8 -20.52 -12.24 0.21
C THR A 8 -19.48 -13.05 0.98
N LEU A 9 -18.63 -13.76 0.25
CA LEU A 9 -17.60 -14.61 0.87
C LEU A 9 -16.66 -13.76 1.74
N GLY A 10 -16.33 -12.57 1.25
CA GLY A 10 -15.45 -11.70 2.01
C GLY A 10 -16.13 -11.18 3.26
N GLU A 11 -17.43 -10.95 3.18
CA GLU A 11 -18.18 -10.44 4.32
C GLU A 11 -18.27 -11.50 5.41
N LYS A 12 -18.28 -12.77 4.98
CA LYS A 12 -18.32 -13.85 5.94
C LYS A 12 -17.00 -13.84 6.70
N TRP A 13 -15.92 -13.62 5.94
CA TRP A 13 -14.59 -13.55 6.52
C TRP A 13 -14.55 -12.43 7.56
N LYS A 14 -15.17 -11.29 7.20
CA LYS A 14 -15.23 -10.10 8.04
C LYS A 14 -16.01 -10.33 9.35
N SER A 15 -17.12 -11.07 9.28
CA SER A 15 -17.90 -11.35 10.49
C SER A 15 -17.05 -12.17 11.45
N ARG A 16 -16.44 -13.21 10.88
CA ARG A 16 -15.61 -14.13 11.63
C ARG A 16 -14.43 -13.41 12.27
N LEU A 17 -13.86 -12.45 11.53
CA LEU A 17 -12.73 -11.67 12.05
C LEU A 17 -13.17 -10.84 13.27
N ASN A 18 -14.34 -10.22 13.17
CA ASN A 18 -14.87 -9.39 14.26
C ASN A 18 -15.25 -10.15 15.52
N ALA A 19 -15.41 -11.47 15.42
CA ALA A 19 -15.79 -12.28 16.58
C ALA A 19 -14.62 -12.80 17.38
N LEU A 20 -13.41 -12.63 16.84
CA LEU A 20 -12.21 -13.10 17.54
C LEU A 20 -11.89 -12.30 18.81
N GLY A 21 -11.31 -12.98 19.80
CA GLY A 21 -10.94 -12.33 21.03
C GLY A 21 -9.65 -11.57 20.76
N LYS A 22 -9.19 -10.78 21.73
CA LYS A 22 -7.97 -10.00 21.54
C LYS A 22 -6.79 -10.88 21.15
N SER A 23 -6.38 -11.73 22.07
CA SER A 23 -5.24 -12.62 21.85
C SER A 23 -5.35 -13.40 20.52
N GLU A 24 -6.54 -13.96 20.24
CA GLU A 24 -6.78 -14.72 19.02
C GLU A 24 -6.59 -13.88 17.77
N PHE A 25 -6.90 -12.59 17.86
CA PHE A 25 -6.78 -11.68 16.74
C PHE A 25 -5.31 -11.48 16.39
N GLN A 26 -4.51 -11.10 17.40
CA GLN A 26 -3.09 -10.87 17.21
C GLN A 26 -2.38 -12.05 16.60
N ILE A 27 -2.81 -13.26 16.95
CA ILE A 27 -2.18 -14.45 16.41
C ILE A 27 -2.58 -14.63 14.95
N TYR A 28 -3.89 -14.61 14.72
CA TYR A 28 -4.41 -14.76 13.37
C TYR A 28 -3.76 -13.74 12.41
N LYS A 29 -3.66 -12.52 12.90
CA LYS A 29 -3.09 -11.40 12.14
C LYS A 29 -1.75 -11.72 11.45
N LYS A 30 -0.94 -12.54 12.10
CA LYS A 30 0.39 -12.86 11.58
C LYS A 30 0.57 -14.28 11.02
N SER A 31 -0.41 -15.15 11.28
CA SER A 31 -0.32 -16.54 10.83
C SER A 31 -0.05 -16.80 9.36
N GLY A 32 1.14 -17.32 9.06
CA GLY A 32 1.51 -17.65 7.69
C GLY A 32 1.77 -16.50 6.76
N ILE A 33 1.91 -15.29 7.31
CA ILE A 33 2.20 -14.15 6.45
C ILE A 33 3.72 -14.00 6.34
N GLN A 34 4.14 -13.02 5.55
CA GLN A 34 5.54 -12.72 5.36
C GLN A 34 5.80 -11.45 6.17
N GLU A 35 6.97 -11.35 6.79
CA GLU A 35 7.33 -10.21 7.63
C GLU A 35 8.74 -9.65 7.40
N VAL A 36 8.86 -8.33 7.39
CA VAL A 36 10.14 -7.68 7.22
C VAL A 36 10.84 -7.48 8.56
N ASP A 37 12.10 -7.91 8.64
CA ASP A 37 12.87 -7.74 9.87
C ASP A 37 13.23 -6.26 10.03
N ARG A 38 12.50 -5.55 10.88
CA ARG A 38 12.73 -4.12 11.03
C ARG A 38 13.44 -3.59 12.28
N THR A 39 13.70 -4.46 13.24
CA THR A 39 14.33 -4.06 14.50
C THR A 39 15.46 -3.04 14.41
N LEU A 40 16.54 -3.37 13.71
CA LEU A 40 17.69 -2.47 13.61
C LEU A 40 17.51 -1.19 12.79
N ALA A 41 16.72 -1.27 11.73
CA ALA A 41 16.47 -0.11 10.89
C ALA A 41 15.76 0.92 11.75
N LYS A 42 14.78 0.44 12.53
CA LYS A 42 14.00 1.32 13.41
C LYS A 42 14.84 1.93 14.50
N GLU A 43 15.73 1.14 15.08
CA GLU A 43 16.56 1.65 16.15
C GLU A 43 17.52 2.69 15.57
N GLY A 44 17.97 2.46 14.33
CA GLY A 44 18.89 3.40 13.70
C GLY A 44 18.24 4.76 13.42
N ILE A 45 16.99 4.71 12.96
CA ILE A 45 16.23 5.93 12.66
C ILE A 45 16.02 6.71 13.95
N LYS A 46 15.71 5.98 15.01
CA LYS A 46 15.49 6.58 16.31
C LYS A 46 16.73 7.35 16.80
N ARG A 47 17.92 6.85 16.46
CA ARG A 47 19.18 7.52 16.87
C ARG A 47 19.53 8.67 15.93
N GLY A 48 18.69 8.90 14.94
CA GLY A 48 18.92 9.98 14.00
C GLY A 48 19.57 9.56 12.69
N GLU A 49 19.83 8.27 12.50
CA GLU A 49 20.45 7.80 11.27
C GLU A 49 19.54 8.02 10.07
N THR A 50 20.03 8.74 9.06
CA THR A 50 19.24 9.04 7.88
C THR A 50 19.69 8.32 6.60
N ASP A 51 20.70 7.47 6.71
CA ASP A 51 21.19 6.73 5.55
C ASP A 51 20.69 5.30 5.61
N HIS A 52 20.56 4.66 4.43
CA HIS A 52 20.15 3.25 4.32
C HIS A 52 18.73 2.80 4.68
N HIS A 53 18.26 3.20 5.85
CA HIS A 53 16.97 2.80 6.40
C HIS A 53 15.68 3.19 5.69
N ALA A 54 14.69 2.30 5.71
CA ALA A 54 13.38 2.57 5.13
C ALA A 54 12.63 3.19 6.31
N VAL A 55 11.88 4.26 6.07
CA VAL A 55 11.17 4.90 7.16
C VAL A 55 10.08 4.03 7.77
N SER A 56 9.64 3.04 7.00
CA SER A 56 8.58 2.13 7.46
C SER A 56 8.68 0.83 6.68
N ARG A 57 7.76 -0.11 6.96
CA ARG A 57 7.78 -1.37 6.23
C ARG A 57 7.07 -1.22 4.89
N GLY A 58 6.66 0.00 4.58
CA GLY A 58 5.99 0.23 3.32
C GLY A 58 6.95 0.13 2.16
N SER A 59 8.23 0.36 2.44
CA SER A 59 9.25 0.29 1.42
C SER A 59 9.32 -1.12 0.90
N ALA A 60 9.51 -2.07 1.80
CA ALA A 60 9.63 -3.48 1.43
C ALA A 60 8.35 -3.93 0.75
N LYS A 61 7.23 -3.41 1.21
CA LYS A 61 5.92 -3.72 0.65
C LYS A 61 5.82 -3.30 -0.81
N LEU A 62 6.18 -2.06 -1.10
CA LEU A 62 6.15 -1.55 -2.47
C LEU A 62 7.17 -2.31 -3.33
N ARG A 63 8.32 -2.65 -2.73
CA ARG A 63 9.36 -3.35 -3.46
C ARG A 63 8.83 -4.66 -3.99
N TRP A 64 7.95 -5.29 -3.23
CA TRP A 64 7.40 -6.58 -3.65
C TRP A 64 6.74 -6.49 -5.02
N PHE A 65 6.01 -5.40 -5.25
CA PHE A 65 5.29 -5.16 -6.50
C PHE A 65 6.22 -4.74 -7.62
N VAL A 66 7.15 -3.84 -7.29
CA VAL A 66 8.10 -3.33 -8.26
C VAL A 66 9.04 -4.40 -8.82
N GLU A 67 9.60 -5.23 -7.95
CA GLU A 67 10.52 -6.27 -8.41
C GLU A 67 9.83 -7.32 -9.28
N ARG A 68 8.50 -7.27 -9.31
CA ARG A 68 7.72 -8.19 -10.12
C ARG A 68 7.10 -7.44 -11.30
N ASN A 69 7.59 -6.22 -11.51
CA ASN A 69 7.12 -5.35 -12.58
C ASN A 69 5.62 -5.14 -12.63
N MET A 70 4.98 -5.21 -11.47
CA MET A 70 3.53 -5.01 -11.39
C MET A 70 3.24 -3.50 -11.49
N VAL A 71 4.27 -2.71 -11.17
CA VAL A 71 4.21 -1.25 -11.29
C VAL A 71 5.64 -0.84 -11.61
N THR A 72 5.84 -0.06 -12.66
CA THR A 72 7.17 0.36 -13.06
C THR A 72 7.30 1.84 -12.86
N PRO A 73 7.50 2.28 -11.61
CA PRO A 73 7.61 3.72 -11.37
C PRO A 73 8.64 4.36 -12.27
N GLU A 74 8.26 5.46 -12.86
CA GLU A 74 9.14 6.21 -13.78
C GLU A 74 8.70 7.67 -13.86
N GLY A 75 9.53 8.52 -14.43
CA GLY A 75 9.20 9.94 -14.58
C GLY A 75 8.89 10.62 -13.28
N LYS A 76 7.78 11.35 -13.26
CA LYS A 76 7.34 12.05 -12.06
C LYS A 76 6.36 11.15 -11.32
N VAL A 77 6.72 10.78 -10.10
CA VAL A 77 5.90 9.90 -9.27
C VAL A 77 5.13 10.69 -8.21
N VAL A 78 3.83 10.45 -8.10
CA VAL A 78 3.06 11.11 -7.05
C VAL A 78 2.63 10.04 -6.06
N ASP A 79 2.94 10.27 -4.79
CA ASP A 79 2.61 9.35 -3.72
C ASP A 79 1.49 9.93 -2.85
N LEU A 80 0.24 9.61 -3.19
CA LEU A 80 -0.92 10.11 -2.43
C LEU A 80 -0.98 9.43 -1.06
N GLY A 81 -0.90 10.23 -0.01
CA GLY A 81 -0.92 9.70 1.35
C GLY A 81 0.40 9.00 1.64
N CYS A 82 1.49 9.74 1.52
CA CYS A 82 2.84 9.21 1.71
C CYS A 82 3.26 8.85 3.14
N GLY A 83 2.55 9.38 4.12
CA GLY A 83 2.89 9.11 5.52
C GLY A 83 4.31 9.54 5.82
N ARG A 84 5.10 8.63 6.38
CA ARG A 84 6.50 8.89 6.71
C ARG A 84 7.36 8.97 5.45
N GLY A 85 6.85 8.41 4.35
CA GLY A 85 7.57 8.45 3.09
C GLY A 85 8.09 7.12 2.56
N GLY A 86 7.68 6.03 3.18
CA GLY A 86 8.14 4.72 2.78
C GLY A 86 8.11 4.45 1.29
N TRP A 87 7.02 4.79 0.64
CA TRP A 87 6.90 4.55 -0.78
C TRP A 87 7.71 5.52 -1.62
N SER A 88 7.72 6.78 -1.21
CA SER A 88 8.42 7.83 -1.94
C SER A 88 9.94 7.64 -1.97
N TYR A 89 10.52 7.39 -0.79
CA TYR A 89 11.96 7.17 -0.68
C TYR A 89 12.40 5.95 -1.47
N TYR A 90 11.58 4.92 -1.52
CA TYR A 90 11.95 3.74 -2.27
C TYR A 90 12.04 4.06 -3.76
N CYS A 91 11.06 4.83 -4.26
CA CYS A 91 11.01 5.21 -5.67
C CYS A 91 12.14 6.18 -6.03
N GLY A 92 12.58 6.97 -5.06
CA GLY A 92 13.64 7.93 -5.33
C GLY A 92 14.94 7.27 -5.77
N GLY A 93 15.09 6.00 -5.44
CA GLY A 93 16.29 5.30 -5.81
C GLY A 93 16.11 4.47 -7.08
N LEU A 94 14.92 4.48 -7.66
CA LEU A 94 14.66 3.70 -8.86
C LEU A 94 15.09 4.37 -10.16
N LYS A 95 15.83 3.60 -10.95
CA LYS A 95 16.40 4.01 -12.23
C LYS A 95 15.65 5.05 -13.07
N ASN A 96 14.48 4.69 -13.58
CA ASN A 96 13.75 5.62 -14.44
C ASN A 96 12.92 6.71 -13.77
N VAL A 97 13.06 6.85 -12.45
CA VAL A 97 12.32 7.88 -11.71
C VAL A 97 13.08 9.19 -11.73
N ARG A 98 12.40 10.28 -12.06
CA ARG A 98 13.04 11.57 -12.11
C ARG A 98 12.62 12.51 -10.98
N GLU A 99 11.38 12.38 -10.53
CA GLU A 99 10.86 13.23 -9.47
C GLU A 99 9.83 12.49 -8.64
N VAL A 100 9.82 12.74 -7.33
CA VAL A 100 8.87 12.08 -6.45
C VAL A 100 8.20 13.11 -5.54
N LYS A 101 6.87 13.15 -5.58
CA LYS A 101 6.11 14.08 -4.76
C LYS A 101 5.13 13.30 -3.89
N GLY A 102 5.35 13.33 -2.59
CA GLY A 102 4.47 12.62 -1.67
C GLY A 102 3.64 13.60 -0.87
N LEU A 103 2.37 13.25 -0.65
CA LEU A 103 1.46 14.13 0.09
C LEU A 103 0.70 13.41 1.20
N THR A 104 0.53 14.07 2.34
CA THR A 104 -0.21 13.52 3.49
C THR A 104 -0.82 14.59 4.40
N LYS A 105 -1.66 14.11 5.32
CA LYS A 105 -2.31 14.97 6.28
C LYS A 105 -1.31 15.34 7.36
N GLY A 106 -0.72 14.33 8.00
CA GLY A 106 0.25 14.58 9.05
C GLY A 106 -0.46 15.18 10.25
N GLY A 107 0.24 16.01 11.01
CA GLY A 107 -0.38 16.63 12.17
C GLY A 107 -0.52 15.69 13.36
N PRO A 108 -0.94 16.22 14.53
CA PRO A 108 -1.10 15.38 15.72
C PRO A 108 -1.92 14.12 15.44
N GLY A 109 -1.47 12.99 15.99
CA GLY A 109 -2.19 11.75 15.80
C GLY A 109 -2.15 11.25 14.37
N HIS A 110 -1.11 11.61 13.65
CA HIS A 110 -0.94 11.20 12.26
C HIS A 110 0.55 11.16 11.91
N GLU A 111 0.90 10.28 10.99
CA GLU A 111 2.29 10.11 10.58
C GLU A 111 2.87 11.27 9.78
N GLU A 112 3.94 11.87 10.32
CA GLU A 112 4.62 12.98 9.68
C GLU A 112 5.81 12.46 8.89
N PRO A 113 6.03 12.99 7.68
CA PRO A 113 7.17 12.49 6.91
C PRO A 113 8.49 12.72 7.64
N ILE A 114 9.40 11.76 7.51
CA ILE A 114 10.70 11.81 8.15
C ILE A 114 11.74 12.17 7.11
N PRO A 115 12.62 13.14 7.41
CA PRO A 115 13.66 13.53 6.45
C PRO A 115 14.74 12.46 6.42
N MET A 116 15.13 12.04 5.22
CA MET A 116 16.15 11.00 5.10
C MET A 116 17.21 11.38 4.07
N SER A 117 18.33 10.67 4.09
CA SER A 117 19.41 10.94 3.13
C SER A 117 19.67 9.69 2.29
N THR A 118 18.62 8.87 2.16
CA THR A 118 18.74 7.65 1.39
C THR A 118 18.98 7.99 -0.09
N TYR A 119 19.38 7.00 -0.88
CA TYR A 119 19.69 7.22 -2.29
C TYR A 119 18.58 7.86 -3.11
N GLY A 120 18.90 9.01 -3.71
CA GLY A 120 17.94 9.71 -4.53
C GLY A 120 16.98 10.58 -3.74
N TRP A 121 17.32 10.81 -2.46
CA TRP A 121 16.49 11.63 -1.58
C TRP A 121 16.29 13.02 -2.12
N ASN A 122 17.26 13.51 -2.85
CA ASN A 122 17.19 14.85 -3.41
C ASN A 122 16.12 14.93 -4.49
N LEU A 123 15.67 13.78 -4.97
CA LEU A 123 14.63 13.76 -6.01
C LEU A 123 13.25 13.68 -5.37
N VAL A 124 13.24 13.53 -4.04
CA VAL A 124 12.02 13.38 -3.27
C VAL A 124 11.59 14.62 -2.49
N ARG A 125 10.32 14.98 -2.60
CA ARG A 125 9.79 16.13 -1.89
C ARG A 125 8.51 15.69 -1.17
N LEU A 126 8.53 15.79 0.16
CA LEU A 126 7.39 15.40 0.98
C LEU A 126 6.75 16.60 1.67
N GLN A 127 5.43 16.57 1.78
CA GLN A 127 4.71 17.65 2.45
C GLN A 127 3.39 17.20 3.05
N SER A 128 3.19 17.48 4.34
CA SER A 128 1.93 17.11 4.98
C SER A 128 1.05 18.34 5.16
N GLY A 129 -0.08 18.16 5.83
CA GLY A 129 -0.99 19.27 6.03
C GLY A 129 -1.76 19.43 4.74
N VAL A 130 -1.78 18.34 3.97
CA VAL A 130 -2.47 18.31 2.69
C VAL A 130 -3.49 17.19 2.66
N ASP A 131 -4.71 17.50 2.25
CA ASP A 131 -5.72 16.47 2.15
C ASP A 131 -5.93 16.19 0.67
N VAL A 132 -5.29 15.13 0.19
CA VAL A 132 -5.36 14.80 -1.21
C VAL A 132 -6.75 14.82 -1.83
N PHE A 133 -7.78 14.54 -1.04
CA PHE A 133 -9.15 14.49 -1.58
C PHE A 133 -9.72 15.84 -2.06
N PHE A 134 -9.13 16.94 -1.60
CA PHE A 134 -9.65 18.25 -2.02
C PHE A 134 -8.63 19.21 -2.58
N ILE A 135 -7.65 18.68 -3.31
CA ILE A 135 -6.66 19.52 -3.94
C ILE A 135 -6.74 19.17 -5.42
N PRO A 136 -6.55 20.16 -6.31
CA PRO A 136 -6.64 19.85 -7.75
C PRO A 136 -5.66 18.79 -8.21
N PRO A 137 -6.13 17.88 -9.08
CA PRO A 137 -5.28 16.81 -9.62
C PRO A 137 -4.09 17.38 -10.39
N GLU A 138 -2.97 16.67 -10.32
CA GLU A 138 -1.75 17.09 -10.99
C GLU A 138 -1.42 16.07 -12.06
N LYS A 139 -0.47 16.38 -12.91
CA LYS A 139 -0.06 15.46 -13.97
C LYS A 139 1.11 14.63 -13.44
N CYS A 140 1.14 13.35 -13.80
CA CYS A 140 2.22 12.47 -13.38
C CYS A 140 2.32 11.24 -14.28
N ASP A 141 3.44 10.53 -14.18
CA ASP A 141 3.64 9.33 -14.99
C ASP A 141 3.25 8.08 -14.24
N THR A 142 3.43 8.10 -12.92
CA THR A 142 3.03 6.97 -12.12
C THR A 142 2.31 7.54 -10.91
N LEU A 143 1.18 6.92 -10.57
CA LEU A 143 0.39 7.35 -9.44
C LEU A 143 0.35 6.27 -8.37
N LEU A 144 0.80 6.62 -7.17
CA LEU A 144 0.81 5.67 -6.07
C LEU A 144 -0.17 6.17 -5.02
N CYS A 145 -0.85 5.25 -4.34
CA CYS A 145 -1.78 5.63 -3.31
C CYS A 145 -1.98 4.47 -2.34
N ASP A 146 -1.67 4.70 -1.07
CA ASP A 146 -1.81 3.68 -0.04
C ASP A 146 -2.79 4.13 1.06
N ILE A 147 -3.83 4.87 0.67
CA ILE A 147 -4.82 5.37 1.61
C ILE A 147 -6.01 4.41 1.83
N GLY A 148 -6.47 4.35 3.07
CA GLY A 148 -7.59 3.48 3.38
C GLY A 148 -7.54 3.00 4.81
N GLU A 149 -8.36 3.63 5.65
CA GLU A 149 -8.44 3.29 7.08
C GLU A 149 -9.43 2.15 7.26
N SER A 150 -8.99 1.08 7.94
CA SER A 150 -9.86 -0.07 8.13
C SER A 150 -10.89 0.17 9.25
N SER A 151 -11.99 -0.59 9.21
CA SER A 151 -13.05 -0.46 10.21
C SER A 151 -13.80 -1.76 10.45
N PRO A 152 -14.30 -1.96 11.68
CA PRO A 152 -15.04 -3.17 12.05
C PRO A 152 -16.23 -3.38 11.12
N ASN A 153 -16.77 -2.27 10.64
CA ASN A 153 -17.91 -2.27 9.74
C ASN A 153 -17.50 -2.19 8.28
N PRO A 154 -17.80 -3.25 7.50
CA PRO A 154 -17.45 -3.30 6.09
C PRO A 154 -18.11 -2.27 5.17
N THR A 155 -19.22 -1.66 5.60
CA THR A 155 -19.88 -0.66 4.75
C THR A 155 -19.13 0.66 4.84
N VAL A 156 -18.51 0.89 5.99
CA VAL A 156 -17.72 2.10 6.20
C VAL A 156 -16.50 1.99 5.31
N GLU A 157 -15.87 0.81 5.31
CA GLU A 157 -14.69 0.57 4.49
C GLU A 157 -15.05 0.71 3.01
N ALA A 158 -16.22 0.22 2.64
CA ALA A 158 -16.69 0.30 1.26
C ALA A 158 -16.72 1.74 0.74
N GLY A 159 -17.24 2.64 1.57
CA GLY A 159 -17.33 4.04 1.19
C GLY A 159 -15.97 4.67 1.08
N ARG A 160 -15.15 4.44 2.11
CA ARG A 160 -13.79 4.97 2.14
C ARG A 160 -13.02 4.50 0.90
N THR A 161 -13.17 3.21 0.60
CA THR A 161 -12.53 2.62 -0.57
C THR A 161 -13.04 3.31 -1.83
N LEU A 162 -14.36 3.42 -1.98
CA LEU A 162 -14.93 4.07 -3.16
C LEU A 162 -14.44 5.51 -3.30
N ARG A 163 -14.16 6.16 -2.18
CA ARG A 163 -13.67 7.52 -2.23
C ARG A 163 -12.31 7.52 -2.87
N VAL A 164 -11.45 6.62 -2.40
CA VAL A 164 -10.10 6.53 -2.92
C VAL A 164 -10.10 6.19 -4.41
N LEU A 165 -10.95 5.25 -4.81
CA LEU A 165 -11.02 4.87 -6.22
C LEU A 165 -11.42 6.06 -7.09
N ASN A 166 -12.37 6.87 -6.63
CA ASN A 166 -12.80 8.03 -7.42
C ASN A 166 -11.71 9.08 -7.44
N LEU A 167 -11.07 9.25 -6.29
CA LEU A 167 -9.97 10.21 -6.18
C LEU A 167 -8.90 9.86 -7.23
N VAL A 168 -8.47 8.60 -7.24
CA VAL A 168 -7.45 8.15 -8.18
C VAL A 168 -7.91 8.21 -9.62
N GLU A 169 -9.19 7.91 -9.88
CA GLU A 169 -9.71 7.96 -11.25
C GLU A 169 -9.41 9.34 -11.87
N ASN A 170 -9.37 10.37 -11.03
CA ASN A 170 -9.09 11.72 -11.52
C ASN A 170 -7.63 11.97 -11.88
N TRP A 171 -6.72 11.30 -11.19
CA TRP A 171 -5.31 11.47 -11.44
C TRP A 171 -4.71 10.59 -12.53
N LEU A 172 -5.52 9.68 -13.10
CA LEU A 172 -5.04 8.77 -14.12
C LEU A 172 -5.40 9.23 -15.52
N ASN A 173 -4.57 8.80 -16.46
CA ASN A 173 -4.84 9.07 -17.85
C ASN A 173 -4.58 7.69 -18.46
N ASN A 174 -3.50 7.54 -19.21
CA ASN A 174 -3.16 6.24 -19.80
C ASN A 174 -1.72 6.40 -20.13
N ASN A 175 -0.93 5.40 -19.71
CA ASN A 175 0.51 5.36 -19.79
C ASN A 175 0.88 5.49 -18.30
N THR A 176 -0.12 5.85 -17.52
CA THR A 176 0.06 6.00 -16.08
C THR A 176 0.29 4.65 -15.43
N GLN A 177 1.42 4.58 -14.75
CA GLN A 177 1.78 3.41 -14.00
C GLN A 177 1.10 3.68 -12.66
N PHE A 178 0.56 2.65 -12.03
CA PHE A 178 -0.10 2.86 -10.75
C PHE A 178 -0.13 1.65 -9.82
N CYS A 179 -0.12 1.96 -8.54
CA CYS A 179 -0.19 0.96 -7.48
C CYS A 179 -1.09 1.64 -6.45
N ILE A 180 -2.35 1.23 -6.40
CA ILE A 180 -3.33 1.83 -5.50
C ILE A 180 -3.97 0.82 -4.58
N LYS A 181 -3.89 1.08 -3.29
CA LYS A 181 -4.51 0.19 -2.33
C LYS A 181 -6.03 0.24 -2.45
N VAL A 182 -6.64 -0.94 -2.30
CA VAL A 182 -8.07 -1.06 -2.33
C VAL A 182 -8.41 -1.74 -1.00
N LEU A 183 -8.61 -0.93 0.04
CA LEU A 183 -8.93 -1.39 1.38
C LEU A 183 -9.90 -2.56 1.47
N ASN A 184 -11.11 -2.36 0.95
CA ASN A 184 -12.14 -3.41 0.97
C ASN A 184 -12.56 -3.71 -0.46
N PRO A 185 -12.01 -4.76 -1.07
CA PRO A 185 -12.34 -5.12 -2.46
C PRO A 185 -13.50 -6.09 -2.64
N TYR A 186 -14.03 -6.61 -1.53
CA TYR A 186 -15.11 -7.58 -1.63
C TYR A 186 -16.54 -7.01 -1.59
N MET A 187 -16.71 -5.82 -1.02
CA MET A 187 -18.05 -5.24 -0.97
C MET A 187 -18.53 -5.01 -2.42
N PRO A 188 -19.76 -5.43 -2.74
CA PRO A 188 -20.35 -5.28 -4.08
C PRO A 188 -20.07 -3.93 -4.73
N SER A 189 -20.38 -2.86 -4.00
CA SER A 189 -20.17 -1.53 -4.52
C SER A 189 -18.74 -1.31 -5.02
N VAL A 190 -17.74 -1.77 -4.25
CA VAL A 190 -16.35 -1.59 -4.67
C VAL A 190 -16.01 -2.52 -5.83
N ILE A 191 -16.57 -3.72 -5.85
CA ILE A 191 -16.29 -4.63 -6.93
C ILE A 191 -16.76 -4.03 -8.26
N GLU A 192 -17.98 -3.52 -8.26
CA GLU A 192 -18.52 -2.90 -9.47
C GLU A 192 -17.59 -1.82 -9.99
N LYS A 193 -17.23 -0.89 -9.11
CA LYS A 193 -16.35 0.21 -9.49
C LYS A 193 -15.05 -0.29 -10.13
N MET A 194 -14.39 -1.25 -9.47
CA MET A 194 -13.15 -1.82 -9.96
C MET A 194 -13.30 -2.44 -11.33
N GLU A 195 -14.45 -3.03 -11.60
CA GLU A 195 -14.66 -3.64 -12.91
C GLU A 195 -14.62 -2.57 -13.99
N ALA A 196 -15.28 -1.44 -13.70
CA ALA A 196 -15.31 -0.33 -14.64
C ALA A 196 -13.93 0.26 -14.80
N LEU A 197 -13.24 0.47 -13.67
CA LEU A 197 -11.90 1.03 -13.68
C LEU A 197 -10.94 0.12 -14.44
N GLN A 198 -11.02 -1.18 -14.18
CA GLN A 198 -10.15 -2.12 -14.88
C GLN A 198 -10.45 -2.02 -16.37
N ARG A 199 -11.75 -1.94 -16.66
CA ARG A 199 -12.25 -1.84 -18.03
C ARG A 199 -11.75 -0.56 -18.71
N LYS A 200 -11.49 0.47 -17.91
CA LYS A 200 -11.06 1.75 -18.44
C LYS A 200 -9.55 2.03 -18.35
N TYR A 201 -8.89 1.52 -17.30
CA TYR A 201 -7.46 1.74 -17.13
C TYR A 201 -6.57 0.51 -17.05
N GLY A 202 -7.18 -0.67 -17.15
CA GLY A 202 -6.42 -1.89 -17.13
C GLY A 202 -5.91 -2.39 -15.78
N GLY A 203 -4.85 -3.20 -15.85
CA GLY A 203 -4.29 -3.75 -14.62
C GLY A 203 -5.28 -4.64 -13.89
N ALA A 204 -4.89 -5.15 -12.70
CA ALA A 204 -5.75 -6.00 -11.91
C ALA A 204 -5.43 -5.82 -10.40
N LEU A 205 -6.15 -6.54 -9.58
CA LEU A 205 -5.90 -6.51 -8.15
C LEU A 205 -4.97 -7.65 -7.72
N VAL A 206 -4.03 -7.36 -6.83
CA VAL A 206 -3.09 -8.37 -6.35
C VAL A 206 -2.94 -8.33 -4.84
N ARG A 207 -2.77 -9.50 -4.25
CA ARG A 207 -2.60 -9.64 -2.80
C ARG A 207 -1.12 -9.68 -2.50
N ASN A 208 -0.66 -8.78 -1.64
CA ASN A 208 0.75 -8.73 -1.26
C ASN A 208 1.00 -9.62 -0.07
N PRO A 209 1.96 -10.58 -0.17
CA PRO A 209 2.20 -11.46 0.98
C PRO A 209 2.65 -10.77 2.28
N LEU A 210 2.90 -9.47 2.22
CA LEU A 210 3.31 -8.73 3.40
C LEU A 210 2.12 -8.08 4.11
N SER A 211 0.93 -8.17 3.51
CA SER A 211 -0.29 -7.65 4.13
C SER A 211 -0.67 -8.62 5.25
N ARG A 212 -1.16 -8.09 6.37
CA ARG A 212 -1.57 -8.92 7.49
C ARG A 212 -2.92 -9.58 7.18
N ASN A 213 -3.19 -10.69 7.88
CA ASN A 213 -4.43 -11.43 7.69
C ASN A 213 -5.61 -10.64 8.23
N SER A 214 -5.31 -9.61 9.00
CA SER A 214 -6.33 -8.75 9.61
C SER A 214 -6.94 -7.77 8.62
N THR A 215 -6.45 -7.77 7.38
CA THR A 215 -7.00 -6.87 6.36
C THR A 215 -7.19 -7.65 5.06
N HIS A 216 -8.25 -7.30 4.32
CA HIS A 216 -8.53 -7.98 3.06
C HIS A 216 -8.02 -7.10 1.92
N GLU A 217 -7.16 -6.16 2.28
CA GLU A 217 -6.59 -5.23 1.31
C GLU A 217 -5.89 -5.90 0.12
N MET A 218 -6.10 -5.33 -1.06
CA MET A 218 -5.47 -5.81 -2.29
C MET A 218 -5.07 -4.51 -2.98
N TYR A 219 -4.08 -4.57 -3.85
CA TYR A 219 -3.64 -3.36 -4.53
C TYR A 219 -3.91 -3.43 -6.02
N TRP A 220 -4.44 -2.33 -6.55
CA TRP A 220 -4.72 -2.25 -7.97
C TRP A 220 -3.41 -1.84 -8.66
N VAL A 221 -2.79 -2.79 -9.35
CA VAL A 221 -1.55 -2.54 -10.05
C VAL A 221 -1.76 -2.61 -11.56
N SER A 222 -1.20 -1.64 -12.28
CA SER A 222 -1.36 -1.54 -13.71
C SER A 222 -0.83 -2.66 -14.59
N ASN A 223 0.32 -3.22 -14.23
CA ASN A 223 0.93 -4.28 -15.03
C ASN A 223 0.51 -5.69 -14.63
N ALA A 224 -0.71 -5.85 -14.16
CA ALA A 224 -1.18 -7.17 -13.75
C ALA A 224 -2.46 -7.51 -14.51
N SER A 225 -2.82 -8.79 -14.54
CA SER A 225 -4.03 -9.17 -15.24
C SER A 225 -4.83 -10.11 -14.34
N GLY A 226 -6.13 -10.16 -14.57
CA GLY A 226 -6.97 -11.02 -13.77
C GLY A 226 -8.38 -10.52 -13.52
N ASN A 227 -9.35 -11.43 -13.59
CA ASN A 227 -10.75 -11.12 -13.37
C ASN A 227 -10.95 -10.64 -11.93
N ILE A 228 -11.59 -9.49 -11.79
CA ILE A 228 -11.81 -8.92 -10.46
C ILE A 228 -12.53 -9.81 -9.44
N VAL A 229 -13.75 -10.24 -9.75
CA VAL A 229 -14.51 -11.09 -8.83
C VAL A 229 -13.70 -12.31 -8.44
N SER A 230 -13.03 -12.90 -9.44
CA SER A 230 -12.18 -14.06 -9.22
C SER A 230 -10.97 -13.72 -8.33
N SER A 231 -10.40 -12.53 -8.54
CA SER A 231 -9.25 -12.07 -7.75
C SER A 231 -9.57 -12.11 -6.25
N VAL A 232 -10.56 -11.31 -5.89
CA VAL A 232 -11.00 -11.16 -4.52
C VAL A 232 -11.39 -12.45 -3.82
N ASN A 233 -12.25 -13.25 -4.45
CA ASN A 233 -12.69 -14.51 -3.84
C ASN A 233 -11.52 -15.41 -3.50
N MET A 234 -10.60 -15.53 -4.44
CA MET A 234 -9.41 -16.35 -4.27
C MET A 234 -8.74 -15.96 -2.97
N ILE A 235 -8.77 -14.66 -2.66
CA ILE A 235 -8.15 -14.14 -1.44
C ILE A 235 -9.03 -14.30 -0.20
N SER A 236 -10.34 -14.19 -0.38
CA SER A 236 -11.28 -14.37 0.72
C SER A 236 -11.15 -15.77 1.26
N ARG A 237 -11.04 -16.75 0.35
CA ARG A 237 -10.89 -18.15 0.75
C ARG A 237 -9.58 -18.35 1.50
N MET A 238 -8.52 -17.71 1.02
CA MET A 238 -7.22 -17.81 1.66
C MET A 238 -7.29 -17.34 3.11
N LEU A 239 -7.78 -16.10 3.29
CA LEU A 239 -7.92 -15.52 4.61
C LEU A 239 -8.79 -16.38 5.53
N ILE A 240 -9.84 -16.99 5.00
CA ILE A 240 -10.70 -17.86 5.80
C ILE A 240 -9.95 -19.12 6.18
N ASN A 241 -9.18 -19.68 5.23
CA ASN A 241 -8.41 -20.89 5.52
C ASN A 241 -7.40 -20.63 6.64
N ARG A 242 -6.81 -19.45 6.64
CA ARG A 242 -5.82 -19.12 7.65
C ARG A 242 -6.37 -19.07 9.07
N PHE A 243 -7.69 -19.00 9.21
CA PHE A 243 -8.32 -18.99 10.54
C PHE A 243 -8.06 -20.34 11.20
N THR A 244 -8.11 -21.38 10.38
CA THR A 244 -7.92 -22.76 10.83
C THR A 244 -6.48 -23.05 11.28
N MET A 245 -5.57 -22.10 11.08
CA MET A 245 -4.19 -22.32 11.48
C MET A 245 -3.98 -22.32 12.99
N ARG A 246 -3.09 -23.20 13.44
CA ARG A 246 -2.77 -23.34 14.86
C ARG A 246 -1.27 -23.28 15.07
N TYR A 247 -0.86 -22.43 16.01
CA TYR A 247 0.55 -22.23 16.36
C TYR A 247 1.44 -21.86 15.17
N LYS A 248 0.93 -20.97 14.32
CA LYS A 248 1.70 -20.54 13.17
C LYS A 248 1.97 -19.05 13.25
N LYS A 249 3.19 -18.68 12.86
CA LYS A 249 3.63 -17.30 12.90
C LYS A 249 4.05 -16.88 11.50
N ALA A 250 4.62 -15.69 11.41
CA ALA A 250 5.08 -15.17 10.12
C ALA A 250 6.49 -15.62 9.79
N THR A 251 6.82 -15.56 8.51
CA THR A 251 8.17 -15.88 8.09
C THR A 251 8.81 -14.54 7.87
N TYR A 252 9.98 -14.32 8.46
CA TYR A 252 10.66 -13.04 8.33
C TYR A 252 11.66 -12.95 7.18
N GLU A 253 11.94 -11.72 6.76
CA GLU A 253 12.90 -11.48 5.69
C GLU A 253 13.62 -10.16 5.96
N PRO A 254 14.88 -10.04 5.50
CA PRO A 254 15.63 -8.79 5.71
C PRO A 254 14.93 -7.61 5.06
N ASP A 255 15.00 -6.45 5.72
CA ASP A 255 14.39 -5.22 5.24
C ASP A 255 15.15 -4.76 4.00
N VAL A 256 14.74 -3.65 3.41
CA VAL A 256 15.42 -3.15 2.23
C VAL A 256 16.47 -2.12 2.64
N ASP A 257 17.54 -2.03 1.86
CA ASP A 257 18.62 -1.05 2.09
C ASP A 257 18.38 0.02 1.03
N LEU A 258 18.10 1.25 1.46
CA LEU A 258 17.83 2.29 0.49
C LEU A 258 19.00 3.17 0.01
N GLY A 259 20.22 2.78 0.35
CA GLY A 259 21.38 3.53 -0.05
C GLY A 259 21.54 4.81 0.75
N SER A 260 22.36 5.65 0.24
CA SER A 260 22.65 6.96 0.81
C SER A 260 23.03 7.71 -0.45
N GLY A 261 23.19 9.03 -0.40
CA GLY A 261 23.62 9.74 -1.61
C GLY A 261 22.50 10.40 -2.43
N THR A 262 22.90 11.39 -3.24
CA THR A 262 22.00 12.15 -4.10
C THR A 262 22.09 11.61 -5.53
N ARG A 263 21.19 12.03 -6.40
CA ARG A 263 21.19 11.57 -7.79
C ARG A 263 21.19 12.76 -8.73
N ASN A 264 21.98 12.65 -9.78
CA ASN A 264 22.09 13.68 -10.81
C ASN A 264 21.32 13.19 -12.02
#